data_6HI0
#
_entry.id   6HI0
#
_cell.length_a   84.321
_cell.length_b   84.321
_cell.length_c   229.998
_cell.angle_alpha   90.000
_cell.angle_beta   90.000
_cell.angle_gamma   90.000
#
_symmetry.space_group_name_H-M   'P 43 21 2'
#
loop_
_entity.id
_entity.type
_entity.pdbx_description
1 polymer 'Serine--tRNA ligase'
2 non-polymer 1,2-ETHANEDIOL
3 non-polymer "5'-O-(N-(L-seryl)-Sulfamoyl)uridine"
4 non-polymer 'CALCIUM ION'
5 water water
#
_entity_poly.entity_id   1
_entity_poly.type   'polypeptide(L)'
_entity_poly.pdbx_seq_one_letter_code
;MLDPNLLRTEPDAVAEKLARRGFKLDVDKLRALEERRKVLQVQTENLQAERNSRSKSIGQAKARGEDIEPLRLEVNKLGE
QLDAAKSELETLLAEIRDIALAIPNIPHDDVPVGRDENDNVEVSRWGTPRQFDFEVRDHVTLGEMHGGLDFAAAVKLTGS
RFVVMKGQLARLHRALAQFMLDLHTEQHGYSENYVPYLVNQDTLYGTGQLPKFAGDLFHTRPLEEEADSSNYALIPTAEV
PLTNLVRDEIIDEDDLPIKMTAHTPCFRSEAGSYGRDTRGLIRMHQFDKVEMVQIVRPEDSMAALEEMTGHAEKVLQLLG
LPYRKVALCTGDMGFSACKTYDLEVWVPAQNTYREISSCSNVWDFQARRMQARCRSKSDKKTRLVHTLNGSGLAVGRTLV
ALMENYQQADGRIEIPEVLRPYMRGLEYIG
;
_entity_poly.pdbx_strand_id   A
#
loop_
_chem_comp.id
_chem_comp.type
_chem_comp.name
_chem_comp.formula
CA non-polymer 'CALCIUM ION' 'Ca 2'
EDO non-polymer 1,2-ETHANEDIOL 'C2 H6 O2'
FZK non-polymer 5'-O-(N-(L-seryl)-Sulfamoyl)uridine 'C12 H18 N4 O10 S'
#
# COMPACT_ATOMS: atom_id res chain seq x y z
N MET A 1 -7.67 -4.51 -8.33
CA MET A 1 -8.44 -5.25 -9.32
C MET A 1 -9.19 -4.28 -10.21
N LEU A 2 -9.09 -4.49 -11.53
CA LEU A 2 -9.84 -3.67 -12.48
C LEU A 2 -11.28 -4.21 -12.61
N ASP A 3 -12.21 -3.34 -13.02
CA ASP A 3 -13.62 -3.70 -13.26
C ASP A 3 -13.68 -4.83 -14.31
N PRO A 4 -14.18 -6.04 -13.95
CA PRO A 4 -14.17 -7.16 -14.91
C PRO A 4 -15.05 -6.96 -16.13
N ASN A 5 -16.10 -6.12 -16.00
CA ASN A 5 -17.02 -5.77 -17.09
C ASN A 5 -16.31 -4.82 -18.08
N LEU A 6 -15.38 -3.99 -17.58
CA LEU A 6 -14.56 -3.06 -18.36
C LEU A 6 -13.46 -3.85 -19.13
N LEU A 7 -13.07 -5.04 -18.62
CA LEU A 7 -12.10 -5.94 -19.26
C LEU A 7 -12.81 -6.82 -20.30
N ARG A 8 -14.16 -6.70 -20.38
CA ARG A 8 -15.02 -7.42 -21.32
C ARG A 8 -15.50 -6.47 -22.43
N THR A 9 -16.18 -5.35 -22.07
CA THR A 9 -16.72 -4.35 -23.02
C THR A 9 -15.65 -3.49 -23.72
N GLU A 10 -14.49 -3.24 -23.06
CA GLU A 10 -13.40 -2.42 -23.62
C GLU A 10 -12.00 -3.01 -23.35
N PRO A 11 -11.65 -4.25 -23.80
CA PRO A 11 -10.31 -4.79 -23.50
C PRO A 11 -9.14 -4.10 -24.19
N ASP A 12 -9.33 -3.62 -25.43
CA ASP A 12 -8.28 -2.92 -26.19
C ASP A 12 -8.09 -1.49 -25.67
N ALA A 13 -9.15 -0.86 -25.13
CA ALA A 13 -9.08 0.50 -24.58
C ALA A 13 -8.31 0.45 -23.22
N VAL A 14 -8.57 -0.59 -22.42
CA VAL A 14 -7.91 -0.84 -21.14
C VAL A 14 -6.41 -1.11 -21.42
N ALA A 15 -6.11 -1.96 -22.44
CA ALA A 15 -4.74 -2.29 -22.87
C ALA A 15 -3.94 -1.05 -23.27
N GLU A 16 -4.58 -0.10 -23.99
CA GLU A 16 -3.99 1.16 -24.45
C GLU A 16 -3.52 2.01 -23.25
N LYS A 17 -4.38 2.19 -22.22
CA LYS A 17 -4.06 2.94 -20.99
C LYS A 17 -2.95 2.29 -20.17
N LEU A 18 -2.98 0.95 -20.09
CA LEU A 18 -1.98 0.17 -19.37
C LEU A 18 -0.61 0.16 -20.02
N ALA A 19 -0.55 0.27 -21.37
CA ALA A 19 0.68 0.31 -22.16
C ALA A 19 1.55 1.53 -21.79
N ARG A 20 0.90 2.62 -21.30
CA ARG A 20 1.54 3.85 -20.85
C ARG A 20 2.37 3.59 -19.59
N ARG A 21 1.95 2.60 -18.76
CA ARG A 21 2.71 2.19 -17.57
C ARG A 21 3.84 1.25 -17.98
N GLY A 22 3.82 0.77 -19.22
CA GLY A 22 4.80 -0.19 -19.72
C GLY A 22 4.36 -1.61 -19.42
N PHE A 23 3.04 -1.79 -19.20
CA PHE A 23 2.43 -3.07 -18.91
C PHE A 23 1.74 -3.58 -20.17
N LYS A 24 2.09 -4.81 -20.62
CA LYS A 24 1.45 -5.38 -21.79
C LYS A 24 0.32 -6.31 -21.34
N LEU A 25 -0.93 -5.91 -21.63
CA LEU A 25 -2.09 -6.72 -21.25
C LEU A 25 -2.28 -7.84 -22.25
N ASP A 26 -2.34 -9.08 -21.76
CA ASP A 26 -2.54 -10.25 -22.61
C ASP A 26 -4.04 -10.37 -22.95
N VAL A 27 -4.53 -9.50 -23.86
CA VAL A 27 -5.95 -9.42 -24.27
C VAL A 27 -6.42 -10.72 -24.94
N ASP A 28 -5.56 -11.34 -25.75
CA ASP A 28 -5.84 -12.59 -26.47
C ASP A 28 -6.02 -13.77 -25.53
N LYS A 29 -5.11 -13.93 -24.53
CA LYS A 29 -5.23 -15.03 -23.56
C LYS A 29 -6.46 -14.85 -22.66
N LEU A 30 -6.73 -13.61 -22.22
CA LEU A 30 -7.89 -13.24 -21.42
C LEU A 30 -9.21 -13.59 -22.16
N ARG A 31 -9.27 -13.30 -23.48
CA ARG A 31 -10.41 -13.60 -24.37
C ARG A 31 -10.63 -15.12 -24.54
N ALA A 32 -9.53 -15.88 -24.79
CA ALA A 32 -9.58 -17.33 -24.97
C ALA A 32 -10.02 -18.02 -23.68
N LEU A 33 -9.56 -17.52 -22.51
CA LEU A 33 -9.96 -18.06 -21.20
C LEU A 33 -11.42 -17.77 -20.90
N GLU A 34 -11.87 -16.53 -21.19
CA GLU A 34 -13.25 -16.07 -21.01
C GLU A 34 -14.24 -16.89 -21.87
N GLU A 35 -13.87 -17.24 -23.12
CA GLU A 35 -14.71 -18.03 -24.01
C GLU A 35 -14.84 -19.48 -23.52
N ARG A 36 -13.73 -20.09 -23.04
CA ARG A 36 -13.75 -21.44 -22.49
C ARG A 36 -14.54 -21.44 -21.16
N ARG A 37 -14.45 -20.34 -20.37
CA ARG A 37 -15.20 -20.19 -19.12
C ARG A 37 -16.72 -20.26 -19.36
N LYS A 38 -17.26 -19.51 -20.34
CA LYS A 38 -18.71 -19.48 -20.67
C LYS A 38 -19.21 -20.90 -21.03
N VAL A 39 -18.36 -21.69 -21.71
CA VAL A 39 -18.63 -23.09 -22.09
C VAL A 39 -18.72 -23.98 -20.83
N LEU A 40 -17.70 -23.96 -19.97
CA LEU A 40 -17.70 -24.76 -18.73
C LEU A 40 -18.78 -24.31 -17.75
N GLN A 41 -19.09 -23.01 -17.71
CA GLN A 41 -20.12 -22.43 -16.84
C GLN A 41 -21.53 -22.97 -17.19
N VAL A 42 -21.86 -23.08 -18.50
CA VAL A 42 -23.17 -23.60 -18.97
C VAL A 42 -23.28 -25.07 -18.63
N GLN A 43 -22.22 -25.84 -18.94
CA GLN A 43 -22.09 -27.27 -18.67
C GLN A 43 -22.25 -27.55 -17.16
N THR A 44 -21.58 -26.77 -16.32
CA THR A 44 -21.60 -26.88 -14.86
C THR A 44 -22.99 -26.61 -14.29
N GLU A 45 -23.60 -25.45 -14.64
CA GLU A 45 -24.93 -25.06 -14.17
C GLU A 45 -26.02 -26.01 -14.63
N ASN A 46 -25.85 -26.64 -15.80
CA ASN A 46 -26.78 -27.67 -16.27
C ASN A 46 -26.67 -28.91 -15.36
N LEU A 47 -25.43 -29.27 -14.93
CA LEU A 47 -25.18 -30.40 -14.03
C LEU A 47 -25.70 -30.11 -12.63
N GLN A 48 -25.57 -28.84 -12.17
CA GLN A 48 -26.10 -28.41 -10.86
C GLN A 48 -27.62 -28.55 -10.80
N ALA A 49 -28.31 -28.22 -11.92
CA ALA A 49 -29.76 -28.25 -12.03
C ALA A 49 -30.26 -29.67 -12.05
N GLU A 50 -29.65 -30.54 -12.88
CA GLU A 50 -30.06 -31.92 -12.96
C GLU A 50 -29.74 -32.72 -11.68
N ARG A 51 -28.63 -32.40 -10.97
CA ARG A 51 -28.33 -33.10 -9.72
C ARG A 51 -29.41 -32.68 -8.71
N ASN A 52 -29.67 -31.35 -8.59
CA ASN A 52 -30.71 -30.79 -7.71
C ASN A 52 -32.07 -31.44 -7.98
N SER A 53 -32.42 -31.61 -9.25
CA SER A 53 -33.69 -32.23 -9.67
C SER A 53 -33.77 -33.72 -9.30
N ARG A 54 -32.70 -34.50 -9.57
CA ARG A 54 -32.65 -35.94 -9.26
C ARG A 54 -32.70 -36.23 -7.76
N SER A 55 -32.09 -35.37 -6.93
CA SER A 55 -32.11 -35.53 -5.47
C SER A 55 -33.56 -35.29 -4.93
N LYS A 56 -34.28 -34.31 -5.53
CA LYS A 56 -35.69 -34.01 -5.19
C LYS A 56 -36.60 -35.17 -5.54
N SER A 57 -36.29 -35.89 -6.63
CA SER A 57 -37.02 -37.08 -7.08
C SER A 57 -36.94 -38.21 -6.04
N ILE A 58 -35.77 -38.35 -5.35
CA ILE A 58 -35.55 -39.36 -4.29
C ILE A 58 -36.47 -39.03 -3.11
N GLY A 59 -36.25 -37.88 -2.47
CA GLY A 59 -37.00 -37.37 -1.33
C GLY A 59 -38.51 -37.50 -1.40
N GLN A 60 -39.09 -37.37 -2.62
CA GLN A 60 -40.53 -37.49 -2.85
C GLN A 60 -40.95 -38.94 -3.14
N ALA A 61 -40.05 -39.79 -3.69
CA ALA A 61 -40.31 -41.21 -3.96
C ALA A 61 -40.15 -42.07 -2.69
N LYS A 62 -39.41 -41.55 -1.69
CA LYS A 62 -39.16 -42.18 -0.38
C LYS A 62 -40.48 -42.30 0.40
N ALA A 63 -41.39 -41.31 0.22
CA ALA A 63 -42.72 -41.28 0.83
C ALA A 63 -43.62 -42.33 0.17
N ARG A 64 -43.62 -42.40 -1.18
CA ARG A 64 -44.40 -43.38 -1.95
C ARG A 64 -43.61 -44.67 -2.23
N ASP A 67 -38.82 -48.06 -4.81
CA ASP A 67 -37.42 -48.34 -4.51
C ASP A 67 -36.53 -47.13 -4.84
N ILE A 68 -35.79 -46.63 -3.83
CA ILE A 68 -34.90 -45.46 -3.94
C ILE A 68 -33.44 -45.84 -4.29
N GLU A 69 -33.18 -47.11 -4.65
CA GLU A 69 -31.83 -47.57 -4.98
C GLU A 69 -31.38 -47.21 -6.41
N PRO A 70 -32.14 -47.50 -7.51
CA PRO A 70 -31.66 -47.08 -8.85
C PRO A 70 -31.50 -45.56 -8.99
N LEU A 71 -32.30 -44.78 -8.23
CA LEU A 71 -32.28 -43.31 -8.20
C LEU A 71 -31.07 -42.75 -7.42
N ARG A 72 -30.70 -43.38 -6.28
CA ARG A 72 -29.57 -42.95 -5.43
C ARG A 72 -28.22 -43.19 -6.13
N LEU A 73 -28.16 -44.22 -7.00
CA LEU A 73 -26.99 -44.58 -7.79
C LEU A 73 -26.73 -43.48 -8.84
N GLU A 74 -27.79 -43.11 -9.63
CA GLU A 74 -27.77 -42.06 -10.66
C GLU A 74 -27.31 -40.71 -10.08
N VAL A 75 -27.84 -40.35 -8.88
CA VAL A 75 -27.55 -39.11 -8.14
C VAL A 75 -26.08 -39.03 -7.72
N ASN A 76 -25.48 -40.19 -7.37
CA ASN A 76 -24.08 -40.27 -6.98
C ASN A 76 -23.15 -40.20 -8.20
N LYS A 77 -23.59 -40.73 -9.36
CA LYS A 77 -22.87 -40.68 -10.63
C LYS A 77 -22.83 -39.22 -11.11
N LEU A 78 -23.98 -38.52 -11.03
CA LEU A 78 -24.15 -37.10 -11.37
C LEU A 78 -23.35 -36.21 -10.41
N GLY A 79 -23.29 -36.62 -9.13
CA GLY A 79 -22.58 -35.92 -8.08
C GLY A 79 -21.08 -35.92 -8.32
N GLU A 80 -20.56 -37.02 -8.89
CA GLU A 80 -19.15 -37.20 -9.25
C GLU A 80 -18.81 -36.37 -10.49
N GLN A 81 -19.71 -36.36 -11.51
CA GLN A 81 -19.59 -35.61 -12.76
C GLN A 81 -19.58 -34.08 -12.49
N LEU A 82 -20.50 -33.60 -11.62
CA LEU A 82 -20.62 -32.20 -11.23
C LEU A 82 -19.36 -31.74 -10.50
N ASP A 83 -18.87 -32.54 -9.52
CA ASP A 83 -17.66 -32.22 -8.74
C ASP A 83 -16.43 -32.08 -9.63
N ALA A 84 -16.30 -32.94 -10.67
CA ALA A 84 -15.24 -32.93 -11.67
C ALA A 84 -15.32 -31.66 -12.52
N ALA A 85 -16.53 -31.33 -13.03
CA ALA A 85 -16.81 -30.15 -13.84
C ALA A 85 -16.56 -28.87 -13.03
N LYS A 86 -16.98 -28.85 -11.75
CA LYS A 86 -16.77 -27.73 -10.83
C LYS A 86 -15.26 -27.51 -10.58
N SER A 87 -14.49 -28.61 -10.46
CA SER A 87 -13.05 -28.59 -10.20
C SER A 87 -12.29 -28.07 -11.46
N GLU A 88 -12.66 -28.59 -12.63
CA GLU A 88 -12.16 -28.14 -13.93
C GLU A 88 -12.48 -26.64 -14.11
N LEU A 89 -13.73 -26.21 -13.81
CA LEU A 89 -14.12 -24.80 -13.88
C LEU A 89 -13.26 -23.92 -12.93
N GLU A 90 -13.11 -24.33 -11.66
CA GLU A 90 -12.34 -23.60 -10.64
C GLU A 90 -10.89 -23.38 -11.04
N THR A 91 -10.26 -24.36 -11.72
CA THR A 91 -8.88 -24.27 -12.21
C THR A 91 -8.77 -23.13 -13.23
N LEU A 92 -9.76 -23.03 -14.14
CA LEU A 92 -9.82 -21.98 -15.17
C LEU A 92 -10.04 -20.61 -14.52
N LEU A 93 -10.88 -20.54 -13.48
CA LEU A 93 -11.13 -19.31 -12.70
C LEU A 93 -9.87 -18.81 -11.99
N ALA A 94 -9.09 -19.75 -11.40
CA ALA A 94 -7.81 -19.47 -10.74
C ALA A 94 -6.79 -18.91 -11.75
N GLU A 95 -6.77 -19.47 -12.99
CA GLU A 95 -5.95 -19.04 -14.12
C GLU A 95 -6.31 -17.61 -14.59
N ILE A 96 -7.62 -17.27 -14.62
CA ILE A 96 -8.11 -15.92 -14.98
C ILE A 96 -7.70 -14.94 -13.87
N ARG A 97 -7.84 -15.34 -12.57
CA ARG A 97 -7.43 -14.57 -11.38
C ARG A 97 -5.96 -14.24 -11.39
N ASP A 98 -5.08 -15.21 -11.77
CA ASP A 98 -3.63 -15.00 -11.81
C ASP A 98 -3.31 -13.86 -12.75
N ILE A 99 -4.04 -13.77 -13.88
CA ILE A 99 -3.83 -12.67 -14.82
C ILE A 99 -4.43 -11.38 -14.24
N ALA A 100 -5.73 -11.41 -13.91
CA ALA A 100 -6.51 -10.26 -13.43
C ALA A 100 -5.92 -9.55 -12.22
N LEU A 101 -5.41 -10.29 -11.25
CA LEU A 101 -4.85 -9.74 -10.01
C LEU A 101 -3.37 -9.26 -10.15
N ALA A 102 -2.73 -9.48 -11.33
CA ALA A 102 -1.36 -9.02 -11.59
C ALA A 102 -1.43 -7.75 -12.44
N ILE A 103 -2.67 -7.31 -12.78
CA ILE A 103 -2.86 -6.11 -13.60
C ILE A 103 -2.77 -4.84 -12.73
N PRO A 104 -1.82 -3.90 -12.99
CA PRO A 104 -1.78 -2.67 -12.17
C PRO A 104 -2.98 -1.75 -12.46
N ASN A 105 -3.12 -0.69 -11.67
CA ASN A 105 -4.23 0.24 -11.83
C ASN A 105 -4.12 1.06 -13.10
N ILE A 106 -5.28 1.42 -13.68
CA ILE A 106 -5.31 2.24 -14.90
C ILE A 106 -4.85 3.64 -14.50
N PRO A 107 -3.81 4.20 -15.15
CA PRO A 107 -3.39 5.56 -14.78
C PRO A 107 -4.45 6.59 -15.19
N HIS A 108 -4.71 7.57 -14.30
CA HIS A 108 -5.68 8.64 -14.54
C HIS A 108 -5.14 9.54 -15.66
N ASP A 109 -6.02 10.24 -16.40
CA ASP A 109 -5.62 11.14 -17.50
C ASP A 109 -4.73 12.31 -17.02
N ASP A 110 -4.78 12.65 -15.71
CA ASP A 110 -3.98 13.70 -15.10
C ASP A 110 -2.48 13.37 -15.07
N VAL A 111 -2.17 12.06 -15.09
CA VAL A 111 -0.82 11.52 -14.99
C VAL A 111 -0.02 11.73 -16.29
N PRO A 112 1.17 12.41 -16.22
CA PRO A 112 1.99 12.57 -17.42
C PRO A 112 2.53 11.24 -17.93
N VAL A 113 2.61 11.05 -19.25
CA VAL A 113 3.13 9.82 -19.84
C VAL A 113 4.67 9.83 -19.75
N GLY A 114 5.21 8.72 -19.25
CA GLY A 114 6.66 8.56 -19.10
C GLY A 114 7.05 7.12 -18.86
N ARG A 115 8.33 6.82 -19.11
CA ARG A 115 8.93 5.49 -19.00
C ARG A 115 9.46 5.18 -17.63
N ASP A 116 10.03 6.18 -16.93
CA ASP A 116 10.60 6.02 -15.58
C ASP A 116 10.66 7.36 -14.82
N GLU A 117 11.32 7.37 -13.64
CA GLU A 117 11.49 8.52 -12.74
C GLU A 117 12.14 9.77 -13.39
N ASN A 118 12.92 9.58 -14.47
CA ASN A 118 13.57 10.70 -15.17
C ASN A 118 12.57 11.46 -16.06
N ASP A 119 11.32 10.98 -16.13
CA ASP A 119 10.20 11.56 -16.87
C ASP A 119 9.15 12.21 -15.94
N ASN A 120 9.38 12.18 -14.61
CA ASN A 120 8.50 12.78 -13.59
C ASN A 120 8.52 14.30 -13.70
N VAL A 121 7.34 14.94 -13.48
CA VAL A 121 7.16 16.40 -13.61
C VAL A 121 7.16 17.11 -12.25
N GLU A 122 8.02 18.11 -12.07
CA GLU A 122 8.05 18.91 -10.85
C GLU A 122 6.84 19.86 -10.88
N VAL A 123 6.07 19.89 -9.80
CA VAL A 123 4.86 20.70 -9.67
C VAL A 123 5.15 22.00 -8.88
N SER A 124 5.87 21.88 -7.75
CA SER A 124 6.21 23.00 -6.88
C SER A 124 7.51 22.72 -6.10
N ARG A 125 8.03 23.76 -5.45
CA ARG A 125 9.25 23.76 -4.67
C ARG A 125 9.02 24.73 -3.50
N TRP A 126 9.39 24.34 -2.29
CA TRP A 126 9.24 25.20 -1.12
C TRP A 126 10.57 25.20 -0.36
N GLY A 127 10.98 26.38 0.08
CA GLY A 127 12.19 26.58 0.87
C GLY A 127 13.47 26.69 0.07
N THR A 128 14.52 27.21 0.71
CA THR A 128 15.80 27.37 0.04
C THR A 128 16.87 26.51 0.70
N PRO A 129 17.47 25.55 -0.05
CA PRO A 129 18.56 24.73 0.52
C PRO A 129 19.68 25.59 1.09
N ARG A 130 20.08 25.28 2.32
CA ARG A 130 21.08 25.97 3.12
C ARG A 130 22.48 25.98 2.49
N GLN A 131 23.14 27.17 2.49
CA GLN A 131 24.53 27.30 2.08
C GLN A 131 25.37 27.11 3.36
N PHE A 132 26.31 26.16 3.34
CA PHE A 132 27.16 25.81 4.47
C PHE A 132 28.52 26.52 4.43
N ASP A 133 29.02 26.88 5.61
CA ASP A 133 30.30 27.57 5.85
C ASP A 133 31.41 26.54 6.19
N PHE A 134 31.08 25.24 6.04
CA PHE A 134 31.96 24.09 6.29
C PHE A 134 31.54 22.94 5.35
N GLU A 135 32.31 21.85 5.36
CA GLU A 135 32.04 20.66 4.54
C GLU A 135 30.89 19.89 5.20
N VAL A 136 29.85 19.65 4.43
CA VAL A 136 28.66 18.94 4.88
C VAL A 136 29.01 17.49 5.26
N ARG A 137 28.60 17.10 6.46
CA ARG A 137 28.74 15.73 6.93
C ARG A 137 27.41 15.01 6.64
N ASP A 138 27.47 13.74 6.26
CA ASP A 138 26.27 12.95 6.06
C ASP A 138 25.73 12.52 7.45
N HIS A 139 24.46 12.05 7.51
CA HIS A 139 23.80 11.62 8.74
C HIS A 139 24.51 10.44 9.43
N VAL A 140 25.17 9.57 8.62
CA VAL A 140 25.93 8.40 9.11
C VAL A 140 27.13 8.90 9.94
N THR A 141 27.89 9.89 9.40
CA THR A 141 29.06 10.51 10.07
C THR A 141 28.57 11.24 11.33
N LEU A 142 27.51 12.04 11.21
CA LEU A 142 26.90 12.77 12.33
C LEU A 142 26.46 11.83 13.45
N GLY A 143 25.86 10.70 13.08
CA GLY A 143 25.39 9.67 14.01
C GLY A 143 26.53 9.00 14.76
N GLU A 144 27.67 8.74 14.08
CA GLU A 144 28.91 8.20 14.67
C GLU A 144 29.52 9.23 15.64
N MET A 145 29.52 10.53 15.28
CA MET A 145 30.05 11.62 16.11
C MET A 145 29.32 11.72 17.44
N HIS A 146 27.99 11.56 17.39
CA HIS A 146 27.10 11.60 18.56
C HIS A 146 27.03 10.24 19.25
N GLY A 147 27.51 9.20 18.57
CA GLY A 147 27.41 7.82 19.02
C GLY A 147 25.96 7.32 19.02
N GLY A 148 25.10 8.04 18.30
CA GLY A 148 23.64 7.83 18.25
C GLY A 148 23.07 6.95 17.16
N LEU A 149 23.79 6.74 16.05
CA LEU A 149 23.33 5.85 14.96
C LEU A 149 24.37 4.78 14.85
N ASP A 150 24.00 3.52 15.16
CA ASP A 150 24.93 2.40 15.20
C ASP A 150 24.42 1.28 14.29
N PHE A 151 25.04 1.19 13.10
CA PHE A 151 24.73 0.16 12.10
C PHE A 151 25.44 -1.15 12.42
N ALA A 152 26.66 -1.08 13.02
CA ALA A 152 27.44 -2.27 13.37
C ALA A 152 26.74 -3.11 14.45
N ALA A 153 26.21 -2.45 15.50
CA ALA A 153 25.47 -3.10 16.58
C ALA A 153 24.21 -3.82 16.01
N ALA A 154 23.55 -3.22 15.02
CA ALA A 154 22.39 -3.83 14.36
C ALA A 154 22.74 -5.04 13.49
N VAL A 155 23.91 -5.02 12.81
CA VAL A 155 24.41 -6.16 12.01
C VAL A 155 24.66 -7.34 13.01
N LYS A 156 25.27 -7.05 14.16
CA LYS A 156 25.51 -8.02 15.23
C LYS A 156 24.16 -8.59 15.75
N LEU A 157 23.16 -7.72 16.05
CA LEU A 157 21.84 -8.16 16.54
C LEU A 157 21.04 -8.91 15.50
N THR A 158 21.07 -8.43 14.26
CA THR A 158 20.23 -8.98 13.19
C THR A 158 21.04 -9.31 11.94
N GLY A 159 21.23 -8.31 11.10
CA GLY A 159 21.95 -8.40 9.84
C GLY A 159 21.97 -7.04 9.21
N SER A 160 22.26 -6.99 7.91
CA SER A 160 22.35 -5.70 7.19
C SER A 160 20.99 -5.06 6.97
N ARG A 161 21.00 -3.73 6.79
CA ARG A 161 19.84 -2.87 6.55
C ARG A 161 18.96 -2.72 7.77
N PHE A 162 19.59 -2.77 8.96
CA PHE A 162 18.96 -2.50 10.27
C PHE A 162 19.82 -1.48 10.99
N VAL A 163 19.25 -0.75 11.95
CA VAL A 163 19.99 0.25 12.75
C VAL A 163 19.59 0.16 14.23
N VAL A 164 20.53 0.57 15.10
CA VAL A 164 20.29 0.80 16.52
C VAL A 164 20.52 2.31 16.71
N MET A 165 19.51 3.01 17.24
CA MET A 165 19.63 4.44 17.56
C MET A 165 19.76 4.51 19.06
N LYS A 166 20.67 5.32 19.56
CA LYS A 166 21.01 5.40 20.99
C LYS A 166 20.93 6.82 21.47
N GLY A 167 20.42 7.02 22.66
CA GLY A 167 20.38 8.33 23.29
C GLY A 167 19.46 9.37 22.68
N GLN A 168 19.96 10.58 22.59
CA GLN A 168 19.27 11.76 22.12
C GLN A 168 18.78 11.67 20.67
N LEU A 169 19.53 10.99 19.80
CA LEU A 169 19.12 10.79 18.41
C LEU A 169 17.91 9.84 18.34
N ALA A 170 17.82 8.83 19.26
CA ALA A 170 16.65 7.91 19.37
C ALA A 170 15.42 8.71 19.84
N ARG A 171 15.64 9.61 20.81
CA ARG A 171 14.66 10.51 21.39
C ARG A 171 14.10 11.44 20.30
N LEU A 172 14.99 11.96 19.43
CA LEU A 172 14.63 12.85 18.33
C LEU A 172 13.73 12.16 17.31
N HIS A 173 14.05 10.87 16.96
CA HIS A 173 13.30 10.02 16.06
C HIS A 173 11.87 9.83 16.62
N ARG A 174 11.76 9.58 17.96
CA ARG A 174 10.48 9.43 18.65
C ARG A 174 9.70 10.74 18.60
N ALA A 175 10.39 11.88 18.84
CA ALA A 175 9.83 13.24 18.82
C ALA A 175 9.22 13.58 17.45
N LEU A 176 9.86 13.10 16.37
CA LEU A 176 9.39 13.30 15.00
C LEU A 176 8.05 12.61 14.80
N ALA A 177 7.94 11.33 15.23
CA ALA A 177 6.72 10.54 15.12
C ALA A 177 5.61 11.11 15.97
N GLN A 178 5.94 11.62 17.17
CA GLN A 178 4.97 12.24 18.09
C GLN A 178 4.37 13.49 17.50
N PHE A 179 5.21 14.36 16.93
CA PHE A 179 4.82 15.60 16.26
C PHE A 179 3.93 15.34 15.04
N MET A 180 4.29 14.36 14.16
CA MET A 180 3.54 14.00 12.94
C MET A 180 2.14 13.52 13.27
N LEU A 181 2.02 12.61 14.27
CA LEU A 181 0.76 12.05 14.74
C LEU A 181 -0.12 13.14 15.34
N ASP A 182 0.47 14.01 16.20
CA ASP A 182 -0.27 15.12 16.80
C ASP A 182 -0.78 16.08 15.74
N LEU A 183 0.07 16.42 14.74
CA LEU A 183 -0.33 17.31 13.66
C LEU A 183 -1.55 16.75 12.88
N HIS A 184 -1.49 15.48 12.46
CA HIS A 184 -2.58 14.91 11.67
C HIS A 184 -3.88 14.66 12.46
N THR A 185 -3.78 14.32 13.74
CA THR A 185 -4.98 14.08 14.55
C THR A 185 -5.54 15.38 15.09
N GLU A 186 -4.70 16.36 15.40
CA GLU A 186 -5.17 17.63 15.98
C GLU A 186 -5.60 18.67 14.95
N GLN A 187 -4.87 18.75 13.83
CA GLN A 187 -5.10 19.80 12.83
C GLN A 187 -5.73 19.33 11.54
N HIS A 188 -5.47 18.08 11.13
CA HIS A 188 -5.86 17.57 9.82
C HIS A 188 -7.05 16.61 9.80
N GLY A 189 -7.71 16.39 10.94
CA GLY A 189 -8.93 15.57 11.01
C GLY A 189 -8.77 14.06 10.88
N TYR A 190 -7.54 13.52 11.09
CA TYR A 190 -7.33 12.06 11.04
C TYR A 190 -7.58 11.43 12.42
N SER A 191 -8.12 10.22 12.45
CA SER A 191 -8.31 9.44 13.67
C SER A 191 -7.11 8.50 13.85
N GLU A 192 -6.51 8.51 15.06
CA GLU A 192 -5.34 7.67 15.40
C GLU A 192 -5.73 6.18 15.54
N ASN A 193 -4.84 5.28 15.14
CA ASN A 193 -5.07 3.83 15.26
C ASN A 193 -3.83 3.07 15.71
N TYR A 194 -4.02 2.03 16.53
CA TYR A 194 -2.95 1.09 16.85
C TYR A 194 -3.36 -0.14 16.04
N VAL A 195 -2.50 -0.56 15.13
CA VAL A 195 -2.82 -1.67 14.24
C VAL A 195 -1.88 -2.88 14.43
N PRO A 196 -2.28 -4.09 13.96
CA PRO A 196 -1.36 -5.23 13.97
C PRO A 196 -0.24 -5.00 12.94
N TYR A 197 0.99 -5.48 13.25
CA TYR A 197 2.17 -5.36 12.38
C TYR A 197 2.40 -6.63 11.55
N LEU A 198 1.55 -7.64 11.80
CA LEU A 198 1.44 -8.93 11.11
C LEU A 198 0.01 -8.97 10.59
N VAL A 199 -0.13 -9.33 9.30
CA VAL A 199 -1.41 -9.43 8.59
C VAL A 199 -1.49 -10.73 7.79
N ASN A 200 -2.71 -11.11 7.44
CA ASN A 200 -3.03 -12.33 6.70
C ASN A 200 -3.02 -12.11 5.19
N GLN A 201 -3.19 -13.21 4.43
CA GLN A 201 -3.22 -13.21 2.95
C GLN A 201 -4.32 -12.36 2.36
N ASP A 202 -5.54 -12.40 2.95
CA ASP A 202 -6.71 -11.64 2.50
C ASP A 202 -6.44 -10.15 2.49
N THR A 203 -5.85 -9.64 3.60
CA THR A 203 -5.44 -8.26 3.77
C THR A 203 -4.42 -7.85 2.69
N LEU A 204 -3.41 -8.70 2.45
CA LEU A 204 -2.36 -8.44 1.46
C LEU A 204 -2.89 -8.45 0.04
N TYR A 205 -3.89 -9.29 -0.27
CA TYR A 205 -4.55 -9.30 -1.58
C TYR A 205 -5.39 -8.03 -1.69
N GLY A 206 -6.06 -7.67 -0.60
CA GLY A 206 -6.91 -6.47 -0.50
C GLY A 206 -6.23 -5.18 -0.90
N THR A 207 -4.98 -4.96 -0.49
CA THR A 207 -4.28 -3.71 -0.84
C THR A 207 -3.27 -3.87 -2.00
N GLY A 208 -3.20 -5.07 -2.59
CA GLY A 208 -2.38 -5.29 -3.79
C GLY A 208 -0.97 -5.80 -3.60
N GLN A 209 -0.53 -6.10 -2.37
CA GLN A 209 0.82 -6.66 -2.16
C GLN A 209 0.86 -8.07 -2.74
N LEU A 210 -0.28 -8.79 -2.68
CA LEU A 210 -0.46 -10.10 -3.26
C LEU A 210 -1.41 -9.99 -4.45
N PRO A 211 -1.18 -10.77 -5.53
CA PRO A 211 -0.20 -11.87 -5.66
C PRO A 211 1.21 -11.50 -6.15
N LYS A 212 1.36 -10.30 -6.74
CA LYS A 212 2.56 -9.88 -7.45
C LYS A 212 3.79 -9.54 -6.62
N PHE A 213 3.65 -9.11 -5.35
CA PHE A 213 4.84 -8.63 -4.62
C PHE A 213 5.17 -9.41 -3.35
N ALA A 214 4.87 -10.72 -3.33
CA ALA A 214 5.16 -11.61 -2.20
C ALA A 214 6.61 -11.57 -1.78
N GLY A 215 7.52 -11.50 -2.75
CA GLY A 215 8.96 -11.51 -2.50
C GLY A 215 9.51 -10.26 -1.84
N ASP A 216 8.70 -9.17 -1.76
CA ASP A 216 9.09 -7.88 -1.14
C ASP A 216 8.76 -7.83 0.35
N LEU A 217 8.18 -8.92 0.87
CA LEU A 217 7.70 -9.08 2.24
C LEU A 217 8.51 -10.05 3.08
N PHE A 218 8.51 -9.85 4.39
CA PHE A 218 9.04 -10.78 5.38
C PHE A 218 7.79 -11.63 5.75
N HIS A 219 7.87 -12.96 5.55
CA HIS A 219 6.75 -13.86 5.86
C HIS A 219 7.08 -14.61 7.10
N THR A 220 6.06 -14.91 7.92
CA THR A 220 6.29 -15.71 9.13
C THR A 220 5.81 -17.13 8.92
N ARG A 221 6.51 -18.09 9.53
CA ARG A 221 6.13 -19.49 9.45
CA ARG A 221 6.15 -19.51 9.49
C ARG A 221 4.88 -19.69 10.33
N PRO A 222 3.93 -20.58 9.96
CA PRO A 222 2.76 -20.77 10.82
C PRO A 222 3.10 -21.27 12.23
N LEU A 223 2.31 -20.84 13.20
CA LEU A 223 2.46 -21.21 14.61
C LEU A 223 1.89 -22.61 14.81
N GLU A 224 2.53 -23.42 15.67
CA GLU A 224 2.12 -24.79 15.99
C GLU A 224 0.64 -24.90 16.42
N GLU A 225 0.19 -23.98 17.30
CA GLU A 225 -1.17 -23.95 17.82
C GLU A 225 -2.17 -23.30 16.86
N GLU A 226 -1.69 -22.73 15.72
CA GLU A 226 -2.54 -22.08 14.69
C GLU A 226 -2.02 -22.43 13.27
N ALA A 227 -1.66 -23.71 13.07
CA ALA A 227 -1.05 -24.29 11.86
C ALA A 227 -1.72 -23.93 10.53
N ASP A 228 -3.07 -23.78 10.50
CA ASP A 228 -3.80 -23.49 9.27
C ASP A 228 -4.38 -22.07 9.15
N SER A 229 -4.12 -21.19 10.14
CA SER A 229 -4.65 -19.82 10.12
C SER A 229 -3.62 -18.74 10.56
N SER A 230 -2.31 -19.04 10.42
CA SER A 230 -1.26 -18.09 10.83
C SER A 230 -0.16 -17.93 9.79
N ASN A 231 -0.53 -18.01 8.49
CA ASN A 231 0.44 -17.72 7.45
C ASN A 231 0.42 -16.19 7.28
N TYR A 232 1.27 -15.51 8.06
CA TYR A 232 1.29 -14.04 8.07
C TYR A 232 2.50 -13.44 7.42
N ALA A 233 2.44 -12.14 7.15
CA ALA A 233 3.56 -11.33 6.66
C ALA A 233 3.59 -10.03 7.48
N LEU A 234 4.79 -9.49 7.68
CA LEU A 234 4.99 -8.21 8.36
C LEU A 234 4.55 -7.11 7.42
N ILE A 235 3.94 -6.08 7.98
CA ILE A 235 3.40 -5.00 7.15
C ILE A 235 4.52 -4.15 6.49
N PRO A 236 4.41 -3.85 5.17
CA PRO A 236 5.44 -3.00 4.54
C PRO A 236 5.09 -1.51 4.71
N THR A 237 3.88 -1.23 5.26
CA THR A 237 3.26 0.10 5.42
C THR A 237 1.95 -0.04 6.17
N ALA A 238 1.55 0.98 6.95
CA ALA A 238 0.31 0.97 7.73
C ALA A 238 -0.89 1.08 6.80
N GLU A 239 -0.63 1.36 5.52
CA GLU A 239 -1.66 1.39 4.48
C GLU A 239 -2.39 0.03 4.39
N VAL A 240 -1.65 -1.07 4.59
CA VAL A 240 -2.17 -2.43 4.49
C VAL A 240 -3.23 -2.69 5.61
N PRO A 241 -2.92 -2.62 6.92
CA PRO A 241 -4.00 -2.82 7.91
C PRO A 241 -5.06 -1.72 7.89
N LEU A 242 -4.66 -0.43 7.70
CA LEU A 242 -5.63 0.69 7.72
C LEU A 242 -6.67 0.63 6.59
N THR A 243 -6.24 0.40 5.34
CA THR A 243 -7.21 0.36 4.23
C THR A 243 -8.17 -0.82 4.40
N ASN A 244 -7.65 -1.98 4.83
CA ASN A 244 -8.45 -3.19 5.05
C ASN A 244 -9.48 -3.09 6.20
N LEU A 245 -9.49 -2.00 6.99
CA LEU A 245 -10.50 -1.83 8.06
C LEU A 245 -11.90 -1.66 7.46
N VAL A 246 -11.99 -1.25 6.17
CA VAL A 246 -13.30 -1.10 5.50
C VAL A 246 -13.63 -2.32 4.59
N ARG A 247 -12.83 -3.40 4.63
CA ARG A 247 -13.06 -4.63 3.87
C ARG A 247 -14.42 -5.22 4.25
N ASP A 248 -15.26 -5.58 3.23
CA ASP A 248 -16.61 -6.14 3.34
C ASP A 248 -17.58 -5.25 4.11
N GLU A 249 -17.43 -3.92 3.93
CA GLU A 249 -18.31 -2.98 4.60
C GLU A 249 -19.12 -2.14 3.62
N ILE A 250 -20.35 -1.82 4.04
CA ILE A 250 -21.20 -0.87 3.36
C ILE A 250 -21.24 0.34 4.31
N ILE A 251 -20.54 1.40 3.92
CA ILE A 251 -20.46 2.61 4.73
C ILE A 251 -21.56 3.58 4.30
N ASP A 252 -22.24 4.16 5.28
CA ASP A 252 -23.22 5.21 5.04
C ASP A 252 -22.40 6.42 4.52
N GLU A 253 -22.76 6.95 3.35
CA GLU A 253 -22.05 8.07 2.71
C GLU A 253 -21.86 9.29 3.63
N ASP A 254 -22.76 9.49 4.61
CA ASP A 254 -22.69 10.60 5.58
C ASP A 254 -21.49 10.43 6.51
N ASP A 255 -21.04 9.17 6.70
CA ASP A 255 -19.90 8.83 7.56
C ASP A 255 -18.55 8.99 6.87
N LEU A 256 -18.58 9.30 5.58
CA LEU A 256 -17.39 9.51 4.76
C LEU A 256 -17.07 11.01 4.74
N PRO A 257 -15.79 11.43 4.65
CA PRO A 257 -14.56 10.62 4.56
C PRO A 257 -14.17 9.96 5.89
N ILE A 258 -13.55 8.78 5.81
CA ILE A 258 -12.97 8.11 6.96
C ILE A 258 -11.48 8.45 6.80
N LYS A 259 -10.91 9.18 7.76
CA LYS A 259 -9.51 9.64 7.75
C LYS A 259 -8.77 9.01 8.92
N MET A 260 -7.83 8.08 8.61
CA MET A 260 -7.08 7.32 9.62
C MET A 260 -5.58 7.56 9.55
N THR A 261 -4.93 7.54 10.72
CA THR A 261 -3.48 7.67 10.82
C THR A 261 -2.95 6.64 11.78
N ALA A 262 -1.71 6.24 11.57
CA ALA A 262 -1.03 5.27 12.42
C ALA A 262 0.47 5.48 12.28
N HIS A 263 1.21 5.20 13.34
CA HIS A 263 2.66 5.23 13.39
C HIS A 263 3.06 3.79 13.56
N THR A 264 3.79 3.22 12.58
CA THR A 264 4.19 1.82 12.71
C THR A 264 5.60 1.58 12.19
N PRO A 265 6.27 0.46 12.58
CA PRO A 265 7.47 0.05 11.82
C PRO A 265 6.96 -0.53 10.47
N CYS A 266 7.82 -0.53 9.45
CA CYS A 266 7.50 -1.03 8.12
C CYS A 266 8.59 -1.98 7.71
N PHE A 267 8.20 -3.16 7.23
CA PHE A 267 9.15 -4.21 6.89
C PHE A 267 9.10 -4.55 5.42
N ARG A 268 10.23 -4.35 4.75
CA ARG A 268 10.38 -4.58 3.32
C ARG A 268 11.69 -5.25 3.02
N SER A 269 11.70 -6.03 1.95
CA SER A 269 12.86 -6.68 1.36
C SER A 269 12.71 -6.40 -0.13
N GLU A 270 12.71 -5.10 -0.48
CA GLU A 270 12.50 -4.63 -1.85
C GLU A 270 13.54 -5.21 -2.83
N ALA A 271 13.05 -5.77 -3.96
CA ALA A 271 13.83 -6.44 -5.00
C ALA A 271 14.80 -5.54 -5.77
N GLY A 272 16.00 -6.08 -6.01
CA GLY A 272 17.08 -5.45 -6.78
C GLY A 272 17.63 -4.13 -6.26
N SER A 273 17.49 -3.87 -4.95
CA SER A 273 18.00 -2.64 -4.31
C SER A 273 19.52 -2.71 -4.03
N TYR A 274 20.14 -3.88 -4.31
CA TYR A 274 21.57 -4.15 -4.11
C TYR A 274 22.48 -3.18 -4.87
N GLY A 275 23.11 -2.28 -4.11
CA GLY A 275 23.99 -1.23 -4.64
C GLY A 275 23.41 0.16 -4.50
N ARG A 276 22.07 0.26 -4.44
CA ARG A 276 21.35 1.53 -4.29
C ARG A 276 21.21 1.86 -2.80
N ASP A 277 21.75 3.05 -2.37
CA ASP A 277 21.74 3.57 -0.98
C ASP A 277 22.31 2.53 -0.01
N THR A 278 23.54 2.09 -0.26
CA THR A 278 24.19 1.04 0.54
C THR A 278 24.38 1.49 2.01
N ARG A 279 24.80 2.73 2.23
CA ARG A 279 25.04 3.26 3.58
C ARG A 279 23.93 4.21 4.08
N GLY A 280 23.62 4.12 5.37
CA GLY A 280 22.63 4.96 6.02
C GLY A 280 21.21 4.48 6.08
N LEU A 281 20.35 5.35 6.63
CA LEU A 281 18.94 5.15 6.92
C LEU A 281 17.96 5.24 5.75
N ILE A 282 18.37 5.67 4.54
CA ILE A 282 17.41 5.89 3.42
C ILE A 282 16.63 4.60 3.05
N ARG A 283 17.33 3.46 2.89
CA ARG A 283 16.72 2.20 2.50
C ARG A 283 17.02 1.13 3.58
N MET A 284 16.03 0.86 4.42
CA MET A 284 16.18 -0.08 5.53
C MET A 284 15.14 -1.18 5.48
N HIS A 285 15.46 -2.36 6.07
CA HIS A 285 14.50 -3.46 6.16
C HIS A 285 13.41 -3.10 7.15
N GLN A 286 13.74 -2.26 8.15
CA GLN A 286 12.80 -1.79 9.16
C GLN A 286 12.90 -0.26 9.27
N PHE A 287 11.77 0.41 9.06
CA PHE A 287 11.69 1.87 9.15
C PHE A 287 10.33 2.31 9.71
N ASP A 288 10.31 3.38 10.50
CA ASP A 288 9.07 3.92 11.07
C ASP A 288 8.43 4.86 10.06
N LYS A 289 7.10 4.86 9.98
CA LYS A 289 6.39 5.77 9.10
C LYS A 289 5.04 6.16 9.69
N VAL A 290 4.69 7.46 9.64
CA VAL A 290 3.38 7.94 10.05
C VAL A 290 2.56 7.99 8.73
N GLU A 291 1.56 7.15 8.68
CA GLU A 291 0.74 6.96 7.49
C GLU A 291 -0.59 7.67 7.64
N MET A 292 -1.08 8.23 6.52
CA MET A 292 -2.42 8.87 6.41
C MET A 292 -3.16 8.03 5.39
N VAL A 293 -4.37 7.59 5.73
CA VAL A 293 -5.26 6.84 4.85
C VAL A 293 -6.63 7.53 4.80
N GLN A 294 -7.19 7.71 3.58
CA GLN A 294 -8.53 8.28 3.38
C GLN A 294 -9.42 7.31 2.61
N ILE A 295 -10.66 7.15 3.11
CA ILE A 295 -11.74 6.34 2.50
C ILE A 295 -12.80 7.37 2.16
N VAL A 296 -13.05 7.57 0.86
CA VAL A 296 -13.91 8.67 0.39
C VAL A 296 -14.92 8.23 -0.68
N ARG A 297 -15.89 9.12 -0.95
CA ARG A 297 -16.90 8.96 -1.99
C ARG A 297 -16.16 9.05 -3.34
N PRO A 298 -16.58 8.27 -4.36
CA PRO A 298 -15.90 8.33 -5.67
C PRO A 298 -15.69 9.72 -6.29
N GLU A 299 -16.57 10.68 -6.03
CA GLU A 299 -16.43 12.02 -6.63
C GLU A 299 -15.53 12.98 -5.84
N ASP A 300 -15.00 12.55 -4.69
CA ASP A 300 -14.18 13.41 -3.83
C ASP A 300 -12.71 13.04 -3.74
N SER A 301 -12.31 11.93 -4.40
CA SER A 301 -10.95 11.39 -4.33
C SER A 301 -9.88 12.29 -4.94
N MET A 302 -10.22 13.07 -5.96
CA MET A 302 -9.22 13.96 -6.58
C MET A 302 -8.89 15.17 -5.69
N ALA A 303 -9.90 15.70 -4.98
CA ALA A 303 -9.77 16.82 -4.05
C ALA A 303 -9.05 16.32 -2.78
N ALA A 304 -9.34 15.06 -2.38
CA ALA A 304 -8.75 14.39 -1.21
C ALA A 304 -7.25 14.18 -1.41
N LEU A 305 -6.82 13.92 -2.65
CA LEU A 305 -5.41 13.75 -2.97
C LEU A 305 -4.63 15.05 -2.75
N GLU A 306 -5.23 16.20 -3.13
CA GLU A 306 -4.63 17.53 -2.94
C GLU A 306 -4.55 17.87 -1.46
N GLU A 307 -5.64 17.57 -0.71
CA GLU A 307 -5.75 17.78 0.73
C GLU A 307 -4.67 16.98 1.47
N MET A 308 -4.61 15.66 1.22
CA MET A 308 -3.65 14.76 1.84
C MET A 308 -2.18 15.11 1.51
N THR A 309 -1.90 15.55 0.24
CA THR A 309 -0.55 15.96 -0.17
C THR A 309 -0.14 17.19 0.62
N GLY A 310 -1.09 18.13 0.78
CA GLY A 310 -0.91 19.34 1.58
C GLY A 310 -0.61 19.04 3.04
N HIS A 311 -1.22 17.96 3.58
CA HIS A 311 -0.99 17.49 4.96
C HIS A 311 0.46 17.01 5.16
N ALA A 312 1.02 16.27 4.18
CA ALA A 312 2.40 15.77 4.17
C ALA A 312 3.36 16.96 4.02
N GLU A 313 3.02 17.92 3.12
CA GLU A 313 3.81 19.14 2.85
C GLU A 313 3.95 19.98 4.11
N LYS A 314 2.87 20.08 4.91
CA LYS A 314 2.82 20.83 6.17
C LYS A 314 3.87 20.37 7.18
N VAL A 315 4.12 19.04 7.25
CA VAL A 315 5.13 18.46 8.14
C VAL A 315 6.51 19.04 7.80
N LEU A 316 6.87 19.01 6.50
CA LEU A 316 8.12 19.50 5.96
C LEU A 316 8.27 21.00 6.16
N GLN A 317 7.17 21.75 5.95
CA GLN A 317 7.13 23.21 6.13
C GLN A 317 7.33 23.62 7.58
N LEU A 318 6.61 22.99 8.53
CA LEU A 318 6.74 23.29 9.96
C LEU A 318 8.13 22.95 10.48
N LEU A 319 8.72 21.87 9.95
CA LEU A 319 10.08 21.45 10.31
C LEU A 319 11.14 22.29 9.63
N GLY A 320 10.73 23.16 8.70
CA GLY A 320 11.62 24.04 7.95
C GLY A 320 12.55 23.29 7.03
N LEU A 321 12.07 22.18 6.44
CA LEU A 321 12.86 21.36 5.54
C LEU A 321 12.53 21.68 4.09
N PRO A 322 13.46 22.26 3.29
CA PRO A 322 13.15 22.55 1.87
C PRO A 322 12.86 21.25 1.11
N TYR A 323 11.90 21.29 0.20
CA TYR A 323 11.49 20.11 -0.57
C TYR A 323 10.96 20.53 -1.94
N ARG A 324 10.72 19.54 -2.81
CA ARG A 324 10.09 19.71 -4.11
C ARG A 324 8.90 18.70 -4.18
N LYS A 325 7.79 19.09 -4.81
CA LYS A 325 6.61 18.24 -5.01
C LYS A 325 6.66 17.80 -6.48
N VAL A 326 6.60 16.50 -6.70
CA VAL A 326 6.73 15.86 -8.02
C VAL A 326 5.49 15.01 -8.41
N ALA A 327 4.98 15.21 -9.62
CA ALA A 327 3.90 14.41 -10.19
C ALA A 327 4.60 13.24 -10.86
N LEU A 328 4.33 12.02 -10.38
CA LEU A 328 4.95 10.82 -10.97
C LEU A 328 4.33 10.54 -12.34
N CYS A 329 5.17 10.14 -13.29
CA CYS A 329 4.68 9.78 -14.62
C CYS A 329 4.11 8.35 -14.59
N THR A 330 3.46 7.91 -15.69
CA THR A 330 2.86 6.58 -15.81
C THR A 330 3.83 5.40 -15.50
N GLY A 331 5.10 5.56 -15.87
CA GLY A 331 6.14 4.55 -15.70
C GLY A 331 6.81 4.48 -14.35
N ASP A 332 6.56 5.46 -13.46
CA ASP A 332 7.17 5.49 -12.12
C ASP A 332 6.17 5.26 -10.97
N MET A 333 4.90 5.10 -11.29
CA MET A 333 3.86 4.88 -10.29
C MET A 333 3.88 3.47 -9.71
N GLY A 334 3.43 3.35 -8.46
CA GLY A 334 3.25 2.08 -7.78
C GLY A 334 2.06 1.33 -8.36
N PHE A 335 2.00 0.01 -8.14
CA PHE A 335 0.99 -0.93 -8.65
C PHE A 335 -0.49 -0.46 -8.52
N SER A 336 -0.90 -0.04 -7.32
CA SER A 336 -2.28 0.34 -6.97
C SER A 336 -2.69 1.73 -7.34
N ALA A 337 -1.74 2.63 -7.47
CA ALA A 337 -2.02 4.03 -7.74
C ALA A 337 -2.56 4.31 -9.14
N CYS A 338 -3.47 5.27 -9.23
CA CYS A 338 -3.97 5.74 -10.53
C CYS A 338 -3.38 7.15 -10.74
N LYS A 339 -2.95 7.81 -9.64
CA LYS A 339 -2.32 9.14 -9.60
C LYS A 339 -1.47 9.29 -8.32
N THR A 340 -0.21 9.76 -8.44
CA THR A 340 0.71 9.91 -7.31
C THR A 340 1.52 11.21 -7.34
N TYR A 341 1.72 11.81 -6.16
CA TYR A 341 2.65 12.92 -5.93
C TYR A 341 3.68 12.42 -4.95
N ASP A 342 4.94 12.68 -5.26
CA ASP A 342 6.03 12.37 -4.34
C ASP A 342 6.60 13.68 -3.82
N LEU A 343 6.85 13.74 -2.51
CA LEU A 343 7.52 14.88 -1.90
C LEU A 343 8.98 14.42 -1.73
N GLU A 344 9.91 15.26 -2.20
CA GLU A 344 11.34 14.98 -2.17
C GLU A 344 12.03 16.07 -1.37
N VAL A 345 12.61 15.69 -0.23
CA VAL A 345 13.29 16.57 0.72
C VAL A 345 14.76 16.81 0.36
N TRP A 346 15.25 18.03 0.63
CA TRP A 346 16.63 18.38 0.38
C TRP A 346 17.55 17.59 1.31
N VAL A 347 18.55 16.92 0.72
CA VAL A 347 19.52 16.13 1.47
C VAL A 347 20.87 16.73 1.16
N PRO A 348 21.38 17.62 2.06
CA PRO A 348 22.65 18.34 1.79
C PRO A 348 23.90 17.52 1.43
N ALA A 349 24.15 16.36 2.09
CA ALA A 349 25.34 15.53 1.77
C ALA A 349 25.23 14.84 0.41
N GLN A 350 24.00 14.75 -0.14
CA GLN A 350 23.74 14.11 -1.44
C GLN A 350 23.62 15.10 -2.60
N ASN A 351 23.60 16.42 -2.27
CA ASN A 351 23.43 17.58 -3.17
C ASN A 351 22.18 17.42 -4.07
N THR A 352 21.14 16.76 -3.55
CA THR A 352 19.87 16.50 -4.26
C THR A 352 18.67 16.38 -3.29
N TYR A 353 17.46 16.29 -3.89
CA TYR A 353 16.21 16.05 -3.20
C TYR A 353 15.99 14.54 -3.20
N ARG A 354 15.55 13.97 -2.06
CA ARG A 354 15.28 12.54 -1.90
C ARG A 354 13.86 12.31 -1.43
N GLU A 355 13.20 11.32 -2.04
CA GLU A 355 11.83 10.97 -1.72
C GLU A 355 11.68 10.70 -0.20
N ILE A 356 10.66 11.32 0.41
CA ILE A 356 10.30 11.25 1.84
C ILE A 356 8.79 10.90 2.01
N SER A 357 8.02 11.05 0.94
CA SER A 357 6.58 10.81 0.94
C SER A 357 6.06 10.43 -0.44
N SER A 358 5.10 9.52 -0.47
CA SER A 358 4.40 9.15 -1.69
C SER A 358 2.92 9.20 -1.38
N CYS A 359 2.18 10.17 -1.99
CA CYS A 359 0.73 10.38 -1.81
C CYS A 359 -0.07 9.95 -3.06
N SER A 360 -0.90 8.90 -2.91
CA SER A 360 -1.66 8.32 -4.02
C SER A 360 -3.16 8.28 -3.89
N ASN A 361 -3.82 8.43 -5.06
CA ASN A 361 -5.24 8.16 -5.23
C ASN A 361 -5.24 6.77 -5.86
N VAL A 362 -5.84 5.83 -5.16
CA VAL A 362 -5.97 4.43 -5.59
C VAL A 362 -7.30 4.22 -6.40
N TRP A 363 -8.20 5.22 -6.44
CA TRP A 363 -9.49 5.09 -7.14
C TRP A 363 -10.25 3.91 -6.47
N ASP A 364 -10.90 3.02 -7.23
CA ASP A 364 -11.65 1.88 -6.67
C ASP A 364 -10.92 0.51 -6.75
N PHE A 365 -9.61 0.51 -7.06
CA PHE A 365 -8.78 -0.67 -7.28
C PHE A 365 -8.69 -1.58 -6.06
N GLN A 366 -8.48 -0.99 -4.85
CA GLN A 366 -8.42 -1.77 -3.59
C GLN A 366 -9.84 -2.03 -3.08
N ALA A 367 -10.72 -1.02 -3.18
CA ALA A 367 -12.14 -1.13 -2.82
C ALA A 367 -12.79 -2.33 -3.53
N ARG A 368 -12.40 -2.61 -4.80
CA ARG A 368 -12.90 -3.77 -5.57
C ARG A 368 -12.43 -5.09 -4.97
N ARG A 369 -11.14 -5.18 -4.60
CA ARG A 369 -10.56 -6.36 -3.98
C ARG A 369 -11.15 -6.59 -2.58
N MET A 370 -11.38 -5.50 -1.82
CA MET A 370 -11.88 -5.56 -0.44
C MET A 370 -13.41 -5.64 -0.32
N GLN A 371 -14.13 -5.28 -1.40
CA GLN A 371 -15.60 -5.20 -1.41
C GLN A 371 -16.03 -4.13 -0.37
N ALA A 372 -15.41 -2.94 -0.48
CA ALA A 372 -15.63 -1.79 0.38
C ALA A 372 -16.48 -0.82 -0.41
N ARG A 373 -17.70 -0.63 0.07
CA ARG A 373 -18.69 0.19 -0.63
C ARG A 373 -19.35 1.18 0.24
N CYS A 374 -20.00 2.17 -0.38
CA CYS A 374 -20.79 3.18 0.29
C CYS A 374 -22.20 3.29 -0.31
N ARG A 375 -23.09 3.94 0.42
CA ARG A 375 -24.48 4.09 0.04
C ARG A 375 -25.13 5.30 0.71
N SER A 376 -25.89 6.11 -0.03
CA SER A 376 -26.71 7.16 0.60
C SER A 376 -27.97 6.41 1.13
N LYS A 377 -28.49 6.75 2.34
CA LYS A 377 -29.62 6.06 2.99
C LYS A 377 -30.85 5.82 2.08
N SER A 378 -31.09 6.75 1.13
CA SER A 378 -32.16 6.67 0.15
C SER A 378 -31.89 5.56 -0.91
N ASP A 379 -30.70 5.61 -1.57
CA ASP A 379 -30.21 4.76 -2.67
C ASP A 379 -30.60 3.29 -2.64
N LYS A 380 -31.04 2.81 -3.82
CA LYS A 380 -31.43 1.42 -4.12
C LYS A 380 -30.17 0.60 -4.50
N LYS A 381 -29.01 1.29 -4.61
CA LYS A 381 -27.75 0.67 -5.01
C LYS A 381 -26.56 1.26 -4.25
N THR A 382 -25.57 0.40 -4.01
CA THR A 382 -24.32 0.78 -3.38
C THR A 382 -23.28 0.97 -4.50
N ARG A 383 -22.14 1.62 -4.17
CA ARG A 383 -21.03 1.75 -5.11
C ARG A 383 -19.71 1.64 -4.36
N LEU A 384 -18.63 1.27 -5.06
CA LEU A 384 -17.32 1.12 -4.43
C LEU A 384 -16.79 2.47 -3.99
N VAL A 385 -16.20 2.52 -2.80
CA VAL A 385 -15.54 3.74 -2.29
C VAL A 385 -14.22 3.94 -3.05
N HIS A 386 -13.61 5.12 -2.89
CA HIS A 386 -12.24 5.37 -3.37
C HIS A 386 -11.32 5.36 -2.13
N THR A 387 -10.08 4.88 -2.28
CA THR A 387 -9.10 4.84 -1.19
C THR A 387 -7.89 5.67 -1.59
N LEU A 388 -7.25 6.29 -0.59
CA LEU A 388 -6.07 7.13 -0.74
C LEU A 388 -5.16 6.84 0.42
N ASN A 389 -3.85 6.97 0.18
CA ASN A 389 -2.84 6.77 1.20
C ASN A 389 -1.67 7.67 0.90
N GLY A 390 -0.97 8.09 1.95
CA GLY A 390 0.19 8.96 1.82
C GLY A 390 0.99 9.04 3.08
N SER A 391 2.32 9.09 2.93
CA SER A 391 3.27 9.20 4.04
C SER A 391 3.27 10.62 4.58
N GLY A 392 3.12 10.76 5.90
CA GLY A 392 3.18 12.05 6.58
C GLY A 392 4.00 12.06 7.86
N LEU A 393 5.26 11.56 7.88
CA LEU A 393 6.10 11.10 6.77
C LEU A 393 6.81 9.80 7.12
N ALA A 394 7.76 9.37 6.26
CA ALA A 394 8.68 8.25 6.55
C ALA A 394 9.60 8.85 7.65
N VAL A 395 9.57 8.32 8.89
CA VAL A 395 10.29 8.91 10.04
C VAL A 395 11.84 8.85 9.93
N GLY A 396 12.41 7.73 9.49
CA GLY A 396 13.86 7.61 9.33
C GLY A 396 14.42 8.60 8.32
N ARG A 397 13.72 8.81 7.20
CA ARG A 397 14.11 9.77 6.16
C ARG A 397 13.97 11.21 6.64
N THR A 398 13.00 11.47 7.57
CA THR A 398 12.83 12.79 8.18
C THR A 398 14.03 13.10 9.07
N LEU A 399 14.52 12.07 9.77
CA LEU A 399 15.69 12.14 10.66
C LEU A 399 16.95 12.42 9.85
N VAL A 400 17.11 11.75 8.68
CA VAL A 400 18.21 11.98 7.74
C VAL A 400 18.24 13.47 7.37
N ALA A 401 17.10 13.99 6.87
CA ALA A 401 16.89 15.37 6.42
C ALA A 401 17.12 16.36 7.55
N LEU A 402 16.57 16.08 8.75
CA LEU A 402 16.72 16.97 9.90
C LEU A 402 18.21 17.12 10.30
N MET A 403 18.89 15.99 10.55
CA MET A 403 20.30 15.94 10.96
C MET A 403 21.23 16.69 10.00
N GLU A 404 21.05 16.46 8.68
CA GLU A 404 21.88 17.06 7.65
C GLU A 404 21.65 18.55 7.42
N ASN A 405 20.37 19.00 7.43
CA ASN A 405 20.00 20.40 7.23
C ASN A 405 20.25 21.31 8.46
N TYR A 406 20.22 20.73 9.67
CA TYR A 406 20.38 21.43 10.93
C TYR A 406 21.73 21.20 11.61
N GLN A 407 22.69 20.52 10.95
CA GLN A 407 24.02 20.27 11.54
C GLN A 407 24.80 21.57 11.72
N GLN A 408 25.57 21.66 12.81
CA GLN A 408 26.46 22.78 13.12
C GLN A 408 27.88 22.33 12.74
N ALA A 409 28.80 23.30 12.59
CA ALA A 409 30.21 23.09 12.23
C ALA A 409 30.91 22.03 13.07
N ASP A 410 30.61 21.97 14.39
CA ASP A 410 31.17 20.99 15.31
C ASP A 410 30.42 19.62 15.29
N GLY A 411 29.33 19.53 14.54
CA GLY A 411 28.54 18.31 14.45
C GLY A 411 27.29 18.30 15.29
N ARG A 412 27.04 19.35 16.11
CA ARG A 412 25.82 19.45 16.93
C ARG A 412 24.60 19.54 16.04
N ILE A 413 23.48 18.98 16.50
CA ILE A 413 22.23 19.03 15.74
C ILE A 413 21.30 20.06 16.37
N GLU A 414 20.97 21.11 15.61
CA GLU A 414 20.00 22.12 16.06
C GLU A 414 18.61 21.50 15.98
N ILE A 415 17.86 21.57 17.07
CA ILE A 415 16.51 21.03 17.11
C ILE A 415 15.55 22.03 16.47
N PRO A 416 14.81 21.64 15.39
CA PRO A 416 13.83 22.57 14.79
C PRO A 416 12.86 23.07 15.85
N GLU A 417 12.48 24.35 15.76
CA GLU A 417 11.57 25.03 16.70
C GLU A 417 10.30 24.24 17.05
N VAL A 418 9.53 23.70 16.05
CA VAL A 418 8.30 22.92 16.31
C VAL A 418 8.55 21.65 17.13
N LEU A 419 9.77 21.08 17.05
CA LEU A 419 10.10 19.86 17.79
C LEU A 419 10.53 20.09 19.22
N ARG A 420 10.98 21.32 19.56
CA ARG A 420 11.50 21.67 20.88
C ARG A 420 10.50 21.35 22.00
N PRO A 421 9.16 21.65 21.90
CA PRO A 421 8.21 21.21 22.95
C PRO A 421 8.20 19.68 23.17
N TYR A 422 8.59 18.91 22.13
CA TYR A 422 8.69 17.45 22.14
C TYR A 422 10.02 16.96 22.70
N MET A 423 10.98 17.89 22.90
CA MET A 423 12.33 17.62 23.42
C MET A 423 12.56 18.39 24.72
N ARG A 424 11.49 18.74 25.47
CA ARG A 424 11.57 19.49 26.74
C ARG A 424 12.25 20.88 26.60
N GLY A 425 12.07 21.51 25.42
CA GLY A 425 12.64 22.81 25.11
C GLY A 425 14.12 22.79 24.70
N LEU A 426 14.71 21.59 24.49
CA LEU A 426 16.12 21.44 24.11
C LEU A 426 16.38 22.13 22.78
N GLU A 427 17.45 22.91 22.70
CA GLU A 427 17.77 23.69 21.51
C GLU A 427 18.70 22.95 20.55
N TYR A 428 19.65 22.21 21.10
CA TYR A 428 20.68 21.47 20.36
C TYR A 428 20.89 20.13 20.98
N ILE A 429 21.27 19.15 20.17
CA ILE A 429 21.73 17.85 20.67
C ILE A 429 23.27 17.98 20.61
N GLY A 430 23.92 17.81 21.75
CA GLY A 430 25.38 17.91 21.85
C GLY A 430 25.87 19.25 22.41
C1 EDO B . 14.98 3.56 11.17
O1 EDO B . 14.93 3.23 9.80
C2 EDO B . 13.57 3.77 11.77
O2 EDO B . 12.88 4.82 11.08
C1 EDO C . -4.25 -17.97 6.78
O1 EDO C . -3.05 -18.62 7.17
C2 EDO C . -4.11 -16.45 7.03
O2 EDO C . -3.21 -15.89 6.06
C1 EDO D . 3.96 -0.18 -0.94
O1 EDO D . 2.54 -0.23 -0.94
C2 EDO D . 4.54 -1.29 -0.04
O2 EDO D . 3.90 -2.52 -0.35
O2' FZK E . 10.17 7.97 1.46
C2' FZK E . 9.80 6.63 1.17
C1' FZK E . 9.69 5.79 2.45
O4' FZK E . 8.34 5.37 2.58
C4' FZK E . 7.51 6.22 1.77
C5' FZK E . 6.24 5.51 1.42
O5' FZK E . 6.58 4.28 0.70
C3' FZK E . 8.39 6.58 0.58
O3' FZK E . 8.01 7.84 0.02
N1 FZK E . 10.57 4.60 2.46
C6 FZK E . 10.44 3.61 1.50
C5 FZK E . 11.28 2.56 1.42
C4 FZK E . 12.34 2.43 2.39
O4 FZK E . 13.20 1.52 2.41
N3 FZK E . 12.38 3.43 3.35
C2 FZK E . 11.55 4.52 3.44
O2 FZK E . 11.67 5.37 4.32
C FZK E . 3.51 3.70 0.66
CA FZK E . 2.15 4.35 0.88
CB FZK E . 2.33 5.82 1.25
N FZK E . 1.42 3.52 1.84
N3S FZK E . 4.26 4.18 -0.44
O FZK E . 3.96 2.82 1.38
O1S FZK E . 6.21 4.91 -1.66
O2S FZK E . 6.03 2.57 -0.88
OG FZK E . 3.06 5.95 2.46
S FZK E . 5.83 3.96 -0.68
CA CA F . -20.75 13.00 8.73
CA CA G . -0.71 2.71 -3.25
CA CA H . 7.26 5.73 -5.77
#